data_6BBW
#
_entry.id   6BBW
#
_cell.length_a   32.050
_cell.length_b   60.570
_cell.length_c   72.790
_cell.angle_alpha   90.77
_cell.angle_beta   91.77
_cell.angle_gamma   104.07
#
_symmetry.space_group_name_H-M   'P 1'
#
loop_
_entity.id
_entity.type
_entity.pdbx_description
1 polymer 'Major pilin backbone protein T-antigen, T3.2.'
2 non-polymer 'CALCIUM ION'
3 water water
#
_entity_poly.entity_id   1
_entity_poly.type   'polypeptide(L)'
_entity_poly.pdbx_seq_one_letter_code
;ETAGVSENAKLIVKKTFDSYTDNEVLMPKADYTFKVEADSTASGKTKDGLEIKPGIVNGLTEQIISYTNTDKPDSKVKST
EFDFSKVVFPGIGVYRYIVSEKQGDVEGITYDTKKWTVDVYVGNKEGGGFEPKFIVSKEQGTDVKKPVNFNNSFATTSLK
VKKNVSGNTGELQKEFDFTLTLNESTNFKKDQIVSLQKGNEKFEVKIGTPYKFKLKNGESIQLDKLPVGITYKVNEMEAN
KDGYKTTASLKEGDGQSKMYQLDMEQKTDESADEIVVTNKRD
;
_entity_poly.pdbx_strand_id   A,B
#
# COMPACT_ATOMS: atom_id res chain seq x y z
N ALA A 3 -6.39 25.65 -14.15
CA ALA A 3 -5.21 25.22 -13.32
C ALA A 3 -4.76 26.36 -12.41
N GLY A 4 -4.84 26.11 -11.12
CA GLY A 4 -4.54 27.12 -10.12
C GLY A 4 -5.63 28.15 -9.92
N VAL A 5 -6.81 27.95 -10.53
CA VAL A 5 -7.95 28.86 -10.33
C VAL A 5 -9.18 28.05 -9.85
N SER A 6 -9.62 28.28 -8.61
CA SER A 6 -10.81 27.64 -8.05
C SER A 6 -11.95 28.67 -8.07
N GLU A 7 -13.13 28.26 -8.53
CA GLU A 7 -14.27 29.18 -8.62
C GLU A 7 -15.21 29.12 -7.42
N ASN A 8 -14.72 28.63 -6.28
CA ASN A 8 -15.49 28.71 -5.05
C ASN A 8 -14.66 29.46 -3.98
N ALA A 9 -15.03 29.28 -2.72
CA ALA A 9 -14.35 29.94 -1.60
C ALA A 9 -13.38 28.99 -0.89
N LYS A 10 -13.06 27.85 -1.52
CA LYS A 10 -12.17 26.86 -0.90
C LYS A 10 -10.87 26.77 -1.68
N LEU A 11 -9.77 26.74 -0.95
CA LEU A 11 -8.47 26.40 -1.52
C LEU A 11 -8.10 24.96 -1.13
N ILE A 12 -7.90 24.13 -2.13
CA ILE A 12 -7.39 22.78 -1.95
C ILE A 12 -5.88 22.85 -1.85
N VAL A 13 -5.34 22.16 -0.86
CA VAL A 13 -3.91 22.04 -0.68
C VAL A 13 -3.64 20.56 -0.69
N LYS A 14 -2.74 20.12 -1.57
CA LYS A 14 -2.34 18.73 -1.67
C LYS A 14 -0.95 18.48 -1.06
N LYS A 15 -0.75 17.27 -0.58
CA LYS A 15 0.55 16.78 -0.10
C LYS A 15 0.92 15.58 -0.96
N THR A 16 2.17 15.57 -1.43
CA THR A 16 2.72 14.47 -2.25
C THR A 16 4.08 14.06 -1.70
N PHE A 17 4.56 12.90 -2.15
CA PHE A 17 5.92 12.39 -1.89
C PHE A 17 6.39 11.87 -3.23
N ASP A 18 6.91 12.77 -4.05
CA ASP A 18 7.22 12.41 -5.43
C ASP A 18 8.21 11.26 -5.55
N SER A 19 9.18 11.17 -4.62
CA SER A 19 10.19 10.10 -4.68
C SER A 19 9.79 8.79 -3.98
N TYR A 20 8.57 8.72 -3.44
CA TYR A 20 8.05 7.48 -2.84
C TYR A 20 7.33 6.63 -3.87
N THR A 21 8.06 5.64 -4.40
CA THR A 21 7.53 4.79 -5.46
C THR A 21 7.57 3.30 -5.18
N ASP A 22 8.20 2.88 -4.08
CA ASP A 22 8.45 1.47 -3.82
C ASP A 22 7.46 1.00 -2.76
N ASN A 23 6.54 0.13 -3.15
CA ASN A 23 5.54 -0.45 -2.21
C ASN A 23 6.14 -1.12 -0.98
N GLU A 24 7.31 -1.70 -1.11
CA GLU A 24 8.01 -2.32 0.03
C GLU A 24 8.40 -1.33 1.12
N VAL A 25 8.61 -0.07 0.73
CA VAL A 25 9.03 0.97 1.66
C VAL A 25 7.83 1.40 2.53
N LEU A 26 8.09 1.62 3.80
CA LEU A 26 7.04 2.01 4.75
C LEU A 26 6.91 3.53 4.82
N MET A 27 5.71 4.01 4.53
CA MET A 27 5.35 5.41 4.71
C MET A 27 5.38 5.74 6.21
N PRO A 28 6.12 6.79 6.63
CA PRO A 28 6.04 7.09 8.07
C PRO A 28 4.65 7.52 8.51
N LYS A 29 4.22 7.07 9.69
CA LYS A 29 3.02 7.60 10.32
C LYS A 29 3.38 8.98 10.84
N ALA A 30 2.81 10.01 10.23
CA ALA A 30 3.23 11.39 10.44
C ALA A 30 2.10 12.33 10.05
N ASP A 31 2.14 13.53 10.62
CA ASP A 31 1.20 14.60 10.29
C ASP A 31 1.93 15.76 9.65
N TYR A 32 1.27 16.39 8.67
CA TYR A 32 1.79 17.58 8.00
C TYR A 32 0.85 18.72 8.26
N THR A 33 1.41 19.86 8.60
CA THR A 33 0.64 21.00 9.06
C THR A 33 0.83 22.17 8.13
N PHE A 34 -0.30 22.75 7.70
CA PHE A 34 -0.31 23.82 6.70
C PHE A 34 -0.93 25.05 7.33
N LYS A 35 -0.34 26.20 7.02
CA LYS A 35 -0.82 27.46 7.54
C LYS A 35 -1.00 28.47 6.45
N VAL A 36 -1.98 29.33 6.65
CA VAL A 36 -2.26 30.41 5.75
C VAL A 36 -1.98 31.71 6.51
N GLU A 37 -1.09 32.54 5.98
CA GLU A 37 -0.75 33.82 6.60
C GLU A 37 -1.17 34.95 5.69
N ALA A 38 -1.34 36.15 6.26
CA ALA A 38 -1.46 37.36 5.46
C ALA A 38 -0.17 37.62 4.69
N ASP A 39 -0.28 38.12 3.47
CA ASP A 39 0.86 38.74 2.82
C ASP A 39 0.82 40.20 3.20
N SER A 40 1.64 40.57 4.18
CA SER A 40 1.64 41.94 4.73
CA SER A 40 1.64 41.94 4.73
C SER A 40 2.19 42.99 3.75
N THR A 41 2.83 42.55 2.66
CA THR A 41 3.37 43.46 1.65
C THR A 41 2.43 43.73 0.48
N ALA A 42 1.21 43.17 0.52
CA ALA A 42 0.28 43.30 -0.60
C ALA A 42 -0.19 44.76 -0.78
N SER A 43 -0.10 45.24 -2.01
CA SER A 43 -0.44 46.62 -2.39
C SER A 43 -0.80 46.77 -3.82
N GLY A 44 -1.38 47.91 -4.16
CA GLY A 44 -1.63 48.28 -5.56
C GLY A 44 -2.98 47.86 -6.09
N LYS A 45 -3.02 47.57 -7.41
CA LYS A 45 -4.27 47.26 -8.13
C LYS A 45 -4.08 46.28 -9.29
N THR A 46 -5.10 45.50 -9.60
CA THR A 46 -5.04 44.52 -10.67
C THR A 46 -5.33 45.06 -12.08
N LYS A 47 -5.15 44.18 -13.07
CA LYS A 47 -5.36 44.46 -14.50
C LYS A 47 -6.65 45.23 -14.79
N ASP A 48 -7.76 44.85 -14.15
CA ASP A 48 -9.04 45.59 -14.28
C ASP A 48 -9.23 46.66 -13.17
N GLY A 49 -8.15 47.02 -12.50
CA GLY A 49 -8.19 48.03 -11.46
C GLY A 49 -8.65 47.67 -10.04
N LEU A 50 -8.73 46.39 -9.72
CA LEU A 50 -9.16 45.97 -8.39
C LEU A 50 -8.05 46.16 -7.37
N GLU A 51 -8.42 46.54 -6.14
CA GLU A 51 -7.45 46.76 -5.12
C GLU A 51 -6.84 45.48 -4.46
N ILE A 52 -5.51 45.44 -4.40
CA ILE A 52 -4.77 44.33 -3.80
C ILE A 52 -4.44 44.69 -2.35
N LYS A 53 -4.81 43.80 -1.44
CA LYS A 53 -4.79 44.03 0.01
C LYS A 53 -4.23 42.81 0.78
N PRO A 54 -3.66 43.02 1.97
CA PRO A 54 -3.26 41.85 2.76
C PRO A 54 -4.45 40.98 3.14
N GLY A 55 -4.26 39.67 3.08
CA GLY A 55 -5.30 38.74 3.46
C GLY A 55 -5.68 38.85 4.93
N ILE A 56 -6.96 38.60 5.20
CA ILE A 56 -7.50 38.55 6.58
C ILE A 56 -7.51 37.10 7.03
N VAL A 57 -6.82 36.80 8.11
CA VAL A 57 -6.68 35.41 8.57
C VAL A 57 -7.66 35.00 9.68
N ASN A 58 -8.29 35.96 10.35
CA ASN A 58 -9.28 35.61 11.34
C ASN A 58 -10.44 34.85 10.70
N GLY A 59 -10.72 33.65 11.21
CA GLY A 59 -11.59 32.70 10.56
C GLY A 59 -10.88 31.48 10.02
N LEU A 60 -9.58 31.61 9.75
CA LEU A 60 -8.76 30.46 9.31
C LEU A 60 -7.99 29.85 10.49
N THR A 61 -7.67 28.56 10.37
CA THR A 61 -6.83 27.86 11.32
C THR A 61 -5.82 27.01 10.57
N GLU A 62 -4.78 26.59 11.25
CA GLU A 62 -3.86 25.57 10.73
C GLU A 62 -4.65 24.30 10.42
N GLN A 63 -4.31 23.61 9.33
CA GLN A 63 -4.94 22.33 8.99
C GLN A 63 -3.91 21.24 8.77
N ILE A 64 -4.32 20.01 9.06
CA ILE A 64 -3.40 18.88 9.10
C ILE A 64 -3.81 17.84 8.07
N ILE A 65 -2.80 17.25 7.43
CA ILE A 65 -2.96 16.05 6.64
C ILE A 65 -2.17 14.94 7.30
N SER A 66 -2.79 13.78 7.51
CA SER A 66 -2.18 12.68 8.24
C SER A 66 -1.92 11.49 7.34
N TYR A 67 -0.79 10.84 7.59
CA TYR A 67 -0.46 9.58 6.98
C TYR A 67 -0.20 8.49 7.99
N THR A 68 -0.48 7.25 7.58
CA THR A 68 -0.11 6.06 8.35
C THR A 68 0.78 5.10 7.56
N ASN A 69 1.29 4.08 8.27
CA ASN A 69 2.07 3.02 7.62
C ASN A 69 1.27 2.25 6.57
N THR A 70 -0.06 2.29 6.65
CA THR A 70 -0.93 1.67 5.65
C THR A 70 -0.90 2.39 4.30
N ASP A 71 -0.54 3.66 4.26
CA ASP A 71 -0.46 4.39 2.98
C ASP A 71 0.72 3.90 2.16
N LYS A 72 0.53 3.89 0.84
CA LYS A 72 1.48 3.31 -0.10
C LYS A 72 1.67 4.28 -1.27
N PRO A 73 2.56 4.00 -2.18
CA PRO A 73 2.75 4.96 -3.25
C PRO A 73 1.47 5.33 -4.00
N ASP A 74 0.55 4.40 -4.13
CA ASP A 74 -0.67 4.65 -4.82
C ASP A 74 -1.69 5.50 -4.04
N SER A 75 -1.51 5.61 -2.71
CA SER A 75 -2.36 6.44 -1.86
C SER A 75 -1.60 7.59 -1.20
N LYS A 76 -0.47 7.97 -1.79
CA LYS A 76 0.41 8.96 -1.21
C LYS A 76 -0.05 10.41 -1.35
N VAL A 77 -1.00 10.69 -2.25
CA VAL A 77 -1.42 12.08 -2.45
C VAL A 77 -2.70 12.28 -1.63
N LYS A 78 -2.67 13.22 -0.70
CA LYS A 78 -3.81 13.55 0.16
C LYS A 78 -4.02 15.06 0.10
N SER A 79 -5.12 15.52 0.70
CA SER A 79 -5.44 16.94 0.64
C SER A 79 -6.18 17.43 1.84
N THR A 80 -6.15 18.75 2.01
CA THR A 80 -6.97 19.48 2.98
C THR A 80 -7.52 20.71 2.25
N GLU A 81 -8.55 21.35 2.82
CA GLU A 81 -9.21 22.47 2.16
C GLU A 81 -9.39 23.62 3.12
N PHE A 82 -8.90 24.80 2.74
CA PHE A 82 -9.08 26.01 3.54
C PHE A 82 -10.32 26.74 3.05
N ASP A 83 -11.25 27.00 3.96
CA ASP A 83 -12.53 27.59 3.61
C ASP A 83 -12.49 29.09 3.87
N PHE A 84 -12.32 29.87 2.79
CA PHE A 84 -12.25 31.34 2.92
C PHE A 84 -13.58 32.01 3.15
N SER A 85 -14.67 31.25 2.98
CA SER A 85 -16.01 31.75 3.31
C SER A 85 -16.19 32.00 4.81
N LYS A 86 -15.33 31.41 5.66
CA LYS A 86 -15.30 31.69 7.10
C LYS A 86 -14.65 33.03 7.49
N VAL A 87 -14.01 33.70 6.53
CA VAL A 87 -13.40 35.01 6.72
C VAL A 87 -14.44 36.09 6.38
N VAL A 88 -14.46 37.14 7.18
CA VAL A 88 -15.32 38.28 6.92
C VAL A 88 -14.50 39.31 6.16
N PHE A 89 -14.83 39.50 4.87
CA PHE A 89 -14.17 40.52 4.05
C PHE A 89 -15.02 41.78 4.10
N PRO A 90 -14.41 42.94 4.37
CA PRO A 90 -15.13 44.23 4.47
C PRO A 90 -15.43 44.93 3.15
N GLY A 91 -14.99 44.37 2.03
CA GLY A 91 -15.19 45.01 0.75
C GLY A 91 -14.59 44.23 -0.41
N ILE A 92 -14.89 44.73 -1.60
CA ILE A 92 -14.38 44.22 -2.88
C ILE A 92 -12.85 44.32 -2.89
N GLY A 93 -12.18 43.33 -3.48
CA GLY A 93 -10.73 43.33 -3.50
C GLY A 93 -10.11 41.99 -3.77
N VAL A 94 -8.80 42.01 -3.96
CA VAL A 94 -7.97 40.83 -4.05
C VAL A 94 -7.21 40.77 -2.73
N TYR A 95 -7.44 39.71 -1.98
CA TYR A 95 -6.86 39.58 -0.67
C TYR A 95 -5.79 38.51 -0.80
N ARG A 96 -4.56 38.87 -0.42
CA ARG A 96 -3.40 38.05 -0.72
C ARG A 96 -2.83 37.38 0.50
N TYR A 97 -2.64 36.06 0.37
CA TYR A 97 -2.20 35.22 1.45
C TYR A 97 -0.94 34.47 1.03
N ILE A 98 -0.25 33.94 2.02
CA ILE A 98 0.91 33.08 1.79
C ILE A 98 0.57 31.76 2.45
N VAL A 99 0.71 30.65 1.72
CA VAL A 99 0.43 29.31 2.26
C VAL A 99 1.74 28.53 2.34
N SER A 100 1.95 27.86 3.48
CA SER A 100 3.15 27.10 3.72
C SER A 100 2.94 25.84 4.53
N GLU A 101 3.97 25.00 4.54
CA GLU A 101 4.00 23.80 5.38
C GLU A 101 4.94 24.05 6.55
N LYS A 102 4.49 23.70 7.76
CA LYS A 102 5.34 23.80 8.92
C LYS A 102 6.41 22.71 8.87
N GLN A 103 7.61 23.04 9.36
CA GLN A 103 8.66 22.04 9.57
C GLN A 103 8.29 21.17 10.76
N GLY A 104 8.11 19.88 10.52
CA GLY A 104 7.90 18.91 11.59
C GLY A 104 9.21 18.46 12.19
N ASP A 105 9.16 17.40 12.99
CA ASP A 105 10.34 16.90 13.74
C ASP A 105 10.60 15.40 13.61
N VAL A 106 9.99 14.74 12.63
CA VAL A 106 10.16 13.30 12.47
C VAL A 106 11.49 12.98 11.79
N GLU A 107 12.29 12.13 12.44
CA GLU A 107 13.55 11.63 11.87
C GLU A 107 13.38 11.06 10.47
N GLY A 108 14.25 11.49 9.57
CA GLY A 108 14.24 10.98 8.21
C GLY A 108 13.36 11.75 7.25
N ILE A 109 12.54 12.68 7.74
CA ILE A 109 11.58 13.37 6.87
C ILE A 109 12.10 14.74 6.49
N THR A 110 12.00 15.04 5.21
CA THR A 110 12.33 16.38 4.71
C THR A 110 11.01 17.07 4.37
N TYR A 111 10.77 18.20 5.01
CA TYR A 111 9.54 18.96 4.87
C TYR A 111 9.74 20.07 3.85
N ASP A 112 8.84 20.16 2.88
CA ASP A 112 8.85 21.19 1.83
C ASP A 112 8.94 22.59 2.44
N THR A 113 9.91 23.38 1.98
CA THR A 113 10.08 24.77 2.39
C THR A 113 9.43 25.78 1.45
N LYS A 114 8.91 25.34 0.31
CA LYS A 114 8.33 26.26 -0.69
C LYS A 114 7.06 26.87 -0.17
N LYS A 115 6.77 28.11 -0.54
CA LYS A 115 5.50 28.72 -0.20
C LYS A 115 4.74 29.12 -1.45
N TRP A 116 3.46 29.42 -1.25
CA TRP A 116 2.52 29.67 -2.31
C TRP A 116 1.82 30.99 -2.04
N THR A 117 1.71 31.83 -3.08
CA THR A 117 0.89 33.03 -3.05
CA THR A 117 0.88 33.03 -3.06
C THR A 117 -0.54 32.64 -3.45
N VAL A 118 -1.52 33.04 -2.62
CA VAL A 118 -2.92 32.74 -2.85
C VAL A 118 -3.69 34.05 -2.85
N ASP A 119 -4.26 34.39 -4.01
CA ASP A 119 -5.05 35.61 -4.21
C ASP A 119 -6.53 35.26 -4.19
N VAL A 120 -7.26 35.81 -3.24
CA VAL A 120 -8.67 35.57 -3.09
C VAL A 120 -9.39 36.80 -3.64
N TYR A 121 -10.10 36.60 -4.75
CA TYR A 121 -10.82 37.68 -5.44
C TYR A 121 -12.18 37.73 -4.83
N VAL A 122 -12.48 38.85 -4.17
CA VAL A 122 -13.70 38.99 -3.39
C VAL A 122 -14.66 39.95 -4.12
N GLY A 123 -15.90 39.49 -4.29
CA GLY A 123 -16.98 40.21 -4.96
C GLY A 123 -18.19 40.44 -4.04
N ASN A 124 -19.25 41.00 -4.61
CA ASN A 124 -20.50 41.22 -3.87
C ASN A 124 -21.23 39.91 -3.64
N LYS A 125 -21.73 39.69 -2.44
CA LYS A 125 -22.52 38.50 -2.14
C LYS A 125 -23.98 38.88 -2.33
N GLU A 126 -24.76 37.95 -2.88
CA GLU A 126 -26.16 38.20 -3.05
C GLU A 126 -26.81 38.34 -1.68
N GLY A 127 -27.57 39.41 -1.48
CA GLY A 127 -28.22 39.71 -0.20
C GLY A 127 -27.45 40.62 0.74
N GLY A 128 -26.21 40.99 0.36
CA GLY A 128 -25.41 41.94 1.11
C GLY A 128 -24.07 41.37 1.50
N GLY A 129 -23.10 42.25 1.69
CA GLY A 129 -21.76 41.83 2.08
C GLY A 129 -20.98 41.25 0.92
N PHE A 130 -19.93 40.49 1.26
CA PHE A 130 -18.89 40.12 0.29
C PHE A 130 -18.46 38.68 0.49
N GLU A 131 -17.95 38.10 -0.58
CA GLU A 131 -17.48 36.71 -0.53
C GLU A 131 -16.43 36.46 -1.59
N PRO A 132 -15.59 35.43 -1.38
CA PRO A 132 -14.71 34.97 -2.47
C PRO A 132 -15.49 34.54 -3.72
N LYS A 133 -15.04 35.00 -4.89
CA LYS A 133 -15.53 34.52 -6.21
C LYS A 133 -14.56 33.60 -6.95
N PHE A 134 -13.27 33.93 -6.89
CA PHE A 134 -12.20 33.11 -7.48
C PHE A 134 -11.04 33.04 -6.49
N ILE A 135 -10.30 31.94 -6.48
CA ILE A 135 -9.04 31.87 -5.72
C ILE A 135 -7.94 31.45 -6.72
N VAL A 136 -6.86 32.23 -6.75
CA VAL A 136 -5.74 31.98 -7.68
C VAL A 136 -4.47 31.68 -6.87
N SER A 137 -3.83 30.56 -7.19
CA SER A 137 -2.60 30.17 -6.50
C SER A 137 -1.44 30.08 -7.47
N LYS A 138 -0.28 30.47 -6.96
CA LYS A 138 0.99 30.38 -7.70
C LYS A 138 2.08 30.09 -6.70
N GLU A 139 3.15 29.44 -7.16
N GLU A 139 3.14 29.43 -7.16
CA GLU A 139 4.32 29.25 -6.32
CA GLU A 139 4.34 29.28 -6.34
C GLU A 139 4.88 30.65 -6.04
C GLU A 139 4.84 30.69 -6.03
N GLN A 140 5.24 30.92 -4.78
CA GLN A 140 5.75 32.23 -4.38
C GLN A 140 7.04 32.51 -5.17
N GLY A 141 7.18 33.74 -5.63
CA GLY A 141 8.25 34.13 -6.56
C GLY A 141 8.07 33.65 -8.01
N THR A 142 6.85 33.23 -8.38
CA THR A 142 6.53 32.86 -9.78
C THR A 142 5.23 33.54 -10.22
N ASP A 143 5.03 33.62 -11.53
CA ASP A 143 3.81 34.17 -12.15
C ASP A 143 2.99 33.05 -12.85
N VAL A 144 3.21 31.80 -12.46
CA VAL A 144 2.59 30.66 -13.10
C VAL A 144 1.45 30.12 -12.24
N LYS A 145 0.21 30.18 -12.75
CA LYS A 145 -0.95 29.68 -11.99
C LYS A 145 -0.85 28.15 -11.90
N LYS A 146 -1.00 27.61 -10.70
CA LYS A 146 -0.70 26.23 -10.43
C LYS A 146 -1.43 25.81 -9.12
N PRO A 147 -2.02 24.60 -9.07
CA PRO A 147 -2.65 24.20 -7.79
C PRO A 147 -1.61 23.98 -6.70
N VAL A 148 -2.01 24.24 -5.46
CA VAL A 148 -1.09 24.19 -4.33
C VAL A 148 -0.76 22.75 -4.00
N ASN A 149 0.52 22.45 -4.00
CA ASN A 149 1.02 21.13 -3.76
C ASN A 149 2.30 21.25 -2.96
N PHE A 150 2.40 20.50 -1.87
CA PHE A 150 3.61 20.42 -1.09
C PHE A 150 4.19 19.04 -1.22
N ASN A 151 5.49 18.98 -1.45
CA ASN A 151 6.16 17.73 -1.69
C ASN A 151 7.13 17.44 -0.59
N ASN A 152 6.91 16.34 0.11
CA ASN A 152 7.85 15.90 1.14
C ASN A 152 8.61 14.68 0.69
N SER A 153 9.70 14.37 1.38
CA SER A 153 10.37 13.11 1.17
C SER A 153 10.79 12.50 2.50
N PHE A 154 11.11 11.23 2.46
CA PHE A 154 11.70 10.61 3.61
C PHE A 154 12.76 9.60 3.19
N ALA A 155 13.82 9.52 4.00
CA ALA A 155 14.94 8.59 3.78
C ALA A 155 14.62 7.20 4.31
N THR A 156 15.26 6.19 3.71
CA THR A 156 15.32 4.84 4.28
C THR A 156 16.78 4.50 4.50
N THR A 157 17.05 3.42 5.21
CA THR A 157 18.42 3.04 5.51
C THR A 157 18.50 1.53 5.38
N SER A 158 19.55 0.92 5.91
CA SER A 158 19.80 -0.48 5.72
C SER A 158 20.60 -1.07 6.86
N LEU A 159 20.50 -2.38 6.97
CA LEU A 159 21.30 -3.16 7.89
C LEU A 159 21.71 -4.46 7.26
N LYS A 160 23.01 -4.75 7.37
CA LYS A 160 23.58 -6.02 6.97
C LYS A 160 24.25 -6.63 8.20
N VAL A 161 24.04 -7.93 8.37
CA VAL A 161 24.67 -8.70 9.43
C VAL A 161 25.37 -9.88 8.80
N LYS A 162 26.68 -10.00 9.03
CA LYS A 162 27.51 -11.06 8.45
C LYS A 162 28.22 -11.86 9.54
N LYS A 163 28.36 -13.17 9.32
CA LYS A 163 29.14 -14.05 10.21
C LYS A 163 30.46 -14.38 9.54
N ASN A 164 31.56 -14.17 10.27
CA ASN A 164 32.87 -14.69 9.92
C ASN A 164 33.32 -15.62 11.05
N VAL A 165 33.78 -16.80 10.67
CA VAL A 165 34.31 -17.77 11.63
C VAL A 165 35.80 -17.84 11.33
N SER A 166 36.61 -17.66 12.36
CA SER A 166 38.07 -17.56 12.22
C SER A 166 38.77 -18.50 13.17
N GLY A 167 40.09 -18.60 13.01
CA GLY A 167 40.96 -19.41 13.88
C GLY A 167 41.36 -20.71 13.22
N ASN A 168 42.36 -21.37 13.80
CA ASN A 168 42.82 -22.68 13.32
C ASN A 168 41.72 -23.75 13.39
N THR A 169 40.96 -23.76 14.49
CA THR A 169 39.90 -24.76 14.72
C THR A 169 38.47 -24.19 14.63
N GLY A 170 38.30 -23.09 13.91
CA GLY A 170 36.97 -22.54 13.64
C GLY A 170 36.26 -23.41 12.62
N GLU A 171 35.04 -23.83 12.97
CA GLU A 171 34.27 -24.78 12.16
C GLU A 171 33.58 -24.03 11.02
N LEU A 172 34.10 -24.20 9.82
CA LEU A 172 33.71 -23.37 8.68
C LEU A 172 32.31 -23.68 8.08
N GLN A 173 31.60 -24.68 8.63
CA GLN A 173 30.20 -24.97 8.26
C GLN A 173 29.22 -24.99 9.44
N LYS A 174 29.68 -24.68 10.66
CA LYS A 174 28.80 -24.59 11.83
C LYS A 174 27.75 -23.48 11.62
N GLU A 175 26.53 -23.76 12.09
CA GLU A 175 25.41 -22.82 11.96
C GLU A 175 25.19 -22.15 13.30
N PHE A 176 25.32 -20.82 13.30
CA PHE A 176 25.08 -20.04 14.51
C PHE A 176 23.69 -19.45 14.40
N ASP A 177 22.96 -19.54 15.50
CA ASP A 177 21.63 -19.02 15.60
C ASP A 177 21.73 -17.52 15.88
N PHE A 178 20.89 -16.75 15.21
CA PHE A 178 20.79 -15.31 15.41
C PHE A 178 19.34 -14.91 15.61
N THR A 179 19.14 -13.79 16.30
CA THR A 179 17.84 -13.13 16.39
CA THR A 179 17.84 -13.15 16.39
C THR A 179 17.99 -11.66 16.03
N LEU A 180 17.06 -11.16 15.22
CA LEU A 180 16.96 -9.75 14.88
C LEU A 180 15.59 -9.32 15.33
N THR A 181 15.54 -8.22 16.07
CA THR A 181 14.29 -7.63 16.49
C THR A 181 14.27 -6.16 16.09
N LEU A 182 13.24 -5.76 15.36
CA LEU A 182 12.95 -4.37 15.05
C LEU A 182 11.86 -3.88 15.99
N ASN A 183 12.14 -2.82 16.74
CA ASN A 183 11.18 -2.27 17.69
C ASN A 183 10.35 -1.14 17.08
N GLU A 184 9.09 -1.11 17.50
CA GLU A 184 8.11 -0.11 17.11
C GLU A 184 8.53 1.27 17.56
N SER A 185 8.11 2.29 16.82
CA SER A 185 8.41 3.68 17.16
C SER A 185 7.15 4.48 16.97
N THR A 186 7.21 5.78 17.25
CA THR A 186 6.06 6.64 17.05
C THR A 186 5.59 6.61 15.61
N ASN A 187 6.53 6.47 14.66
CA ASN A 187 6.20 6.57 13.24
C ASN A 187 6.12 5.25 12.50
N PHE A 188 6.54 4.15 13.13
CA PHE A 188 6.51 2.81 12.51
C PHE A 188 6.01 1.78 13.49
N LYS A 189 4.85 1.20 13.19
CA LYS A 189 4.09 0.45 14.20
C LYS A 189 4.26 -1.05 14.10
N LYS A 190 3.90 -1.72 15.21
CA LYS A 190 3.95 -3.18 15.31
C LYS A 190 3.18 -3.85 14.19
N ASP A 191 3.73 -5.00 13.74
CA ASP A 191 3.17 -5.82 12.67
C ASP A 191 3.39 -5.31 11.24
N GLN A 192 3.94 -4.10 11.07
CA GLN A 192 4.41 -3.68 9.74
C GLN A 192 5.60 -4.51 9.30
N ILE A 193 5.72 -4.72 7.99
CA ILE A 193 6.72 -5.60 7.40
C ILE A 193 7.89 -4.86 6.79
N VAL A 194 9.10 -5.42 6.98
CA VAL A 194 10.33 -4.99 6.29
C VAL A 194 10.94 -6.23 5.60
N SER A 195 11.43 -6.06 4.38
CA SER A 195 11.97 -7.18 3.62
C SER A 195 13.40 -7.49 4.08
N LEU A 196 13.68 -8.77 4.26
CA LEU A 196 15.02 -9.27 4.60
C LEU A 196 15.44 -10.24 3.49
N GLN A 197 16.70 -10.15 3.12
CA GLN A 197 17.25 -10.96 2.04
C GLN A 197 18.36 -11.82 2.64
N LYS A 198 18.29 -13.13 2.42
CA LYS A 198 19.38 -14.03 2.75
C LYS A 198 19.66 -14.80 1.45
N GLY A 199 20.82 -14.51 0.84
CA GLY A 199 21.16 -15.08 -0.45
C GLY A 199 20.23 -14.56 -1.51
N ASN A 200 19.57 -15.46 -2.23
CA ASN A 200 18.59 -15.04 -3.23
C ASN A 200 17.14 -15.23 -2.78
N GLU A 201 16.93 -15.48 -1.48
CA GLU A 201 15.59 -15.63 -0.91
C GLU A 201 15.18 -14.37 -0.14
N LYS A 202 13.90 -14.00 -0.26
CA LYS A 202 13.30 -12.85 0.43
C LYS A 202 12.44 -13.36 1.61
N PHE A 203 12.48 -12.65 2.73
CA PHE A 203 11.72 -13.00 3.93
C PHE A 203 11.07 -11.76 4.51
N GLU A 204 10.03 -11.96 5.30
CA GLU A 204 9.29 -10.84 5.90
C GLU A 204 9.61 -10.77 7.39
N VAL A 205 10.07 -9.60 7.84
CA VAL A 205 10.30 -9.32 9.27
C VAL A 205 9.19 -8.41 9.74
N LYS A 206 8.54 -8.77 10.84
CA LYS A 206 7.50 -7.94 11.42
C LYS A 206 8.07 -7.10 12.54
N ILE A 207 7.81 -5.80 12.52
CA ILE A 207 8.20 -4.90 13.59
C ILE A 207 7.53 -5.39 14.89
N GLY A 208 8.31 -5.57 15.95
CA GLY A 208 7.79 -6.05 17.23
C GLY A 208 7.81 -7.56 17.44
N THR A 209 8.23 -8.34 16.44
CA THR A 209 8.39 -9.80 16.60
C THR A 209 9.82 -10.23 16.29
N PRO A 210 10.54 -10.74 17.32
CA PRO A 210 11.89 -11.21 17.08
C PRO A 210 11.96 -12.19 15.90
N TYR A 211 12.94 -11.99 15.01
CA TYR A 211 13.08 -12.81 13.82
C TYR A 211 14.30 -13.72 13.96
N LYS A 212 14.07 -15.04 13.93
CA LYS A 212 15.17 -16.00 14.07
C LYS A 212 15.74 -16.41 12.71
N PHE A 213 17.07 -16.49 12.61
CA PHE A 213 17.73 -16.96 11.40
C PHE A 213 19.07 -17.57 11.78
N LYS A 214 19.75 -18.15 10.79
CA LYS A 214 21.02 -18.81 11.03
C LYS A 214 22.02 -18.36 10.00
N LEU A 215 23.28 -18.34 10.41
CA LEU A 215 24.38 -17.98 9.52
C LEU A 215 25.53 -18.93 9.77
N LYS A 216 26.12 -19.39 8.69
CA LYS A 216 27.42 -20.04 8.70
C LYS A 216 28.46 -19.01 8.27
N ASN A 217 29.74 -19.42 8.27
CA ASN A 217 30.84 -18.58 7.81
C ASN A 217 30.62 -18.02 6.42
N GLY A 218 30.83 -16.72 6.26
CA GLY A 218 30.63 -16.04 5.00
C GLY A 218 29.23 -15.51 4.74
N GLU A 219 28.22 -16.00 5.47
CA GLU A 219 26.83 -15.70 5.14
C GLU A 219 26.38 -14.41 5.79
N SER A 220 25.36 -13.80 5.19
CA SER A 220 24.76 -12.58 5.74
C SER A 220 23.28 -12.48 5.43
N ILE A 221 22.62 -11.65 6.22
CA ILE A 221 21.28 -11.14 5.91
C ILE A 221 21.40 -9.65 5.68
N GLN A 222 20.47 -9.11 4.88
CA GLN A 222 20.37 -7.68 4.74
C GLN A 222 18.93 -7.21 4.59
N LEU A 223 18.68 -6.04 5.16
CA LEU A 223 17.43 -5.33 5.01
C LEU A 223 17.79 -4.02 4.31
N ASP A 224 17.39 -3.89 3.04
CA ASP A 224 17.81 -2.75 2.22
C ASP A 224 16.94 -1.52 2.34
N LYS A 225 15.77 -1.64 2.97
CA LYS A 225 14.74 -0.59 2.91
C LYS A 225 14.14 -0.42 4.31
N LEU A 226 15.04 -0.32 5.27
CA LEU A 226 14.70 -0.16 6.69
C LEU A 226 14.20 1.25 6.98
N PRO A 227 13.14 1.39 7.79
CA PRO A 227 12.74 2.74 8.21
C PRO A 227 13.77 3.45 9.07
N VAL A 228 13.80 4.76 8.97
CA VAL A 228 14.67 5.62 9.77
C VAL A 228 13.93 5.97 11.05
N GLY A 229 14.65 5.82 12.16
CA GLY A 229 14.16 6.26 13.46
C GLY A 229 13.59 5.15 14.33
N ILE A 230 13.74 3.90 13.94
CA ILE A 230 13.36 2.77 14.81
C ILE A 230 14.59 2.27 15.52
N THR A 231 14.43 1.32 16.44
CA THR A 231 15.59 0.64 16.99
C THR A 231 15.59 -0.82 16.56
N TYR A 232 16.76 -1.42 16.59
CA TYR A 232 16.88 -2.84 16.42
C TYR A 232 17.91 -3.41 17.41
N LYS A 233 17.80 -4.71 17.66
CA LYS A 233 18.76 -5.51 18.39
C LYS A 233 19.16 -6.71 17.53
N VAL A 234 20.46 -7.02 17.50
CA VAL A 234 20.95 -8.25 16.87
C VAL A 234 21.60 -9.07 17.98
N ASN A 235 21.25 -10.35 18.05
CA ASN A 235 21.82 -11.27 19.04
C ASN A 235 22.30 -12.55 18.36
N GLU A 236 23.35 -13.14 18.91
CA GLU A 236 23.84 -14.44 18.45
C GLU A 236 23.76 -15.34 19.67
N MET A 237 23.00 -16.43 19.54
CA MET A 237 22.54 -17.19 20.70
C MET A 237 23.68 -17.94 21.41
N GLU A 238 24.59 -18.53 20.63
CA GLU A 238 25.73 -19.29 21.19
C GLU A 238 27.02 -18.47 21.24
N ALA A 239 26.92 -17.16 21.48
CA ALA A 239 28.10 -16.30 21.55
C ALA A 239 29.00 -16.71 22.72
N ASN A 240 30.28 -16.86 22.44
CA ASN A 240 31.32 -17.26 23.40
C ASN A 240 31.20 -18.66 24.01
N LYS A 241 30.47 -19.55 23.32
CA LYS A 241 30.33 -20.95 23.73
C LYS A 241 31.18 -21.83 22.81
N ASP A 242 31.41 -23.07 23.25
CA ASP A 242 32.08 -24.11 22.44
C ASP A 242 33.52 -23.81 21.98
N GLY A 243 34.22 -22.98 22.74
CA GLY A 243 35.59 -22.59 22.41
C GLY A 243 35.72 -21.28 21.63
N TYR A 244 34.59 -20.72 21.18
CA TYR A 244 34.61 -19.54 20.28
C TYR A 244 34.79 -18.22 21.02
N LYS A 245 35.70 -17.38 20.50
CA LYS A 245 35.81 -15.99 20.94
C LYS A 245 34.92 -15.19 20.01
N THR A 246 33.83 -14.62 20.53
CA THR A 246 32.87 -13.90 19.71
C THR A 246 33.03 -12.40 19.90
N THR A 247 33.28 -11.68 18.81
CA THR A 247 33.28 -10.21 18.83
C THR A 247 32.37 -9.69 17.73
N ALA A 248 31.61 -8.63 18.05
CA ALA A 248 30.67 -8.04 17.12
C ALA A 248 31.07 -6.59 16.94
N SER A 249 31.07 -6.13 15.68
CA SER A 249 31.36 -4.72 15.37
C SER A 249 30.30 -4.09 14.49
N LEU A 250 30.13 -2.78 14.62
CA LEU A 250 29.24 -1.97 13.77
C LEU A 250 30.04 -0.93 12.98
N LYS A 251 29.76 -0.84 11.69
CA LYS A 251 30.33 0.18 10.79
C LYS A 251 29.17 0.92 10.15
N GLU A 252 29.21 2.25 10.19
CA GLU A 252 28.19 3.11 9.63
C GLU A 252 28.74 3.90 8.47
N GLY A 253 28.07 3.82 7.31
CA GLY A 253 28.59 4.36 6.06
C GLY A 253 30.02 3.93 5.79
N ASP A 254 30.85 4.89 5.38
CA ASP A 254 32.28 4.66 5.19
C ASP A 254 33.07 5.07 6.43
N GLY A 255 32.46 4.95 7.62
CA GLY A 255 33.13 5.26 8.87
C GLY A 255 33.95 4.11 9.43
N GLN A 256 34.45 4.34 10.64
CA GLN A 256 35.29 3.37 11.35
C GLN A 256 34.45 2.38 12.10
N SER A 257 34.87 1.11 12.09
CA SER A 257 34.21 0.07 12.88
C SER A 257 34.36 0.39 14.37
N LYS A 258 33.27 0.17 15.11
CA LYS A 258 33.29 0.20 16.57
C LYS A 258 32.63 -1.06 17.13
N MET A 259 32.81 -1.30 18.43
CA MET A 259 32.21 -2.46 19.09
C MET A 259 30.68 -2.36 19.03
N TYR A 260 30.03 -3.49 18.73
CA TYR A 260 28.61 -3.63 18.84
C TYR A 260 28.34 -4.65 19.94
N GLN A 261 27.55 -4.24 20.92
CA GLN A 261 27.21 -5.12 22.04
C GLN A 261 26.02 -5.96 21.62
N LEU A 262 26.20 -7.27 21.50
CA LEU A 262 25.10 -8.14 21.07
C LEU A 262 23.89 -7.95 21.98
N ASP A 263 22.72 -7.90 21.35
CA ASP A 263 21.43 -7.64 21.98
C ASP A 263 21.18 -6.20 22.47
N MET A 264 22.08 -5.24 22.19
CA MET A 264 21.85 -3.83 22.57
C MET A 264 21.07 -3.10 21.47
N GLU A 265 20.17 -2.22 21.88
CA GLU A 265 19.38 -1.37 20.98
C GLU A 265 20.29 -0.48 20.14
N GLN A 266 20.06 -0.41 18.83
CA GLN A 266 20.75 0.55 17.94
C GLN A 266 19.68 1.30 17.18
N LYS A 267 19.73 2.64 17.16
CA LYS A 267 18.73 3.43 16.46
C LYS A 267 19.12 3.57 14.98
N THR A 268 18.15 3.37 14.09
CA THR A 268 18.40 3.54 12.65
C THR A 268 18.39 5.03 12.30
N ASP A 269 19.33 5.43 11.45
CA ASP A 269 19.46 6.81 11.00
C ASP A 269 19.92 6.79 9.53
N GLU A 270 20.46 7.88 8.99
CA GLU A 270 20.76 7.96 7.55
CA GLU A 270 20.73 7.92 7.54
C GLU A 270 22.09 7.36 7.11
N SER A 271 22.79 6.65 8.00
CA SER A 271 24.01 5.97 7.58
C SER A 271 23.72 4.48 7.53
N ALA A 272 24.09 3.84 6.44
CA ALA A 272 23.92 2.40 6.29
C ALA A 272 24.70 1.66 7.39
N ASP A 273 24.10 0.63 7.97
CA ASP A 273 24.73 -0.14 9.04
C ASP A 273 25.20 -1.49 8.51
N GLU A 274 26.40 -1.87 8.94
CA GLU A 274 26.92 -3.22 8.72
C GLU A 274 27.47 -3.74 10.02
N ILE A 275 26.98 -4.90 10.44
CA ILE A 275 27.43 -5.56 11.64
C ILE A 275 28.15 -6.83 11.20
N VAL A 276 29.37 -7.03 11.71
CA VAL A 276 30.14 -8.27 11.50
C VAL A 276 30.26 -8.94 12.85
N VAL A 277 29.89 -10.23 12.92
CA VAL A 277 30.05 -11.03 14.11
C VAL A 277 31.14 -12.02 13.75
N THR A 278 32.27 -11.94 14.46
CA THR A 278 33.40 -12.83 14.24
C THR A 278 33.35 -13.85 15.37
N ASN A 279 33.45 -15.14 15.03
CA ASN A 279 33.57 -16.21 16.02
C ASN A 279 34.90 -16.91 15.80
N LYS A 280 35.86 -16.61 16.68
CA LYS A 280 37.24 -17.10 16.55
C LYS A 280 37.47 -18.34 17.41
N ARG A 281 38.14 -19.35 16.84
CA ARG A 281 38.63 -20.48 17.65
C ARG A 281 40.00 -20.97 17.18
N ASP A 282 40.99 -20.71 18.03
CA ASP A 282 42.39 -21.09 17.76
C ASP A 282 42.59 -22.58 18.02
N ALA B 3 -3.53 -32.43 13.04
CA ALA B 3 -3.36 -31.03 12.51
C ALA B 3 -1.94 -30.79 12.00
N GLY B 4 -1.83 -30.61 10.69
CA GLY B 4 -0.53 -30.59 10.04
C GLY B 4 0.14 -31.94 9.93
N VAL B 5 -0.59 -33.03 10.25
CA VAL B 5 -0.10 -34.38 10.01
C VAL B 5 -1.19 -35.13 9.26
N SER B 6 -0.89 -35.46 7.99
CA SER B 6 -1.79 -36.26 7.16
C SER B 6 -1.39 -37.73 7.35
N GLU B 7 -2.36 -38.61 7.55
CA GLU B 7 -2.11 -40.05 7.72
C GLU B 7 -2.33 -40.81 6.41
N ASN B 8 -1.83 -40.26 5.30
CA ASN B 8 -1.88 -40.89 3.99
C ASN B 8 -0.82 -40.28 3.04
N ALA B 9 -0.94 -40.47 1.72
CA ALA B 9 0.04 -39.95 0.76
C ALA B 9 -0.39 -38.63 0.09
N LYS B 10 -1.45 -38.01 0.62
CA LYS B 10 -2.03 -36.82 0.04
C LYS B 10 -1.85 -35.63 0.98
N LEU B 11 -1.51 -34.50 0.38
CA LEU B 11 -1.39 -33.24 1.09
C LEU B 11 -2.52 -32.35 0.60
N ILE B 12 -3.40 -31.97 1.52
CA ILE B 12 -4.51 -31.08 1.21
C ILE B 12 -3.98 -29.65 1.33
N VAL B 13 -4.18 -28.86 0.28
CA VAL B 13 -3.78 -27.45 0.27
C VAL B 13 -5.05 -26.62 0.16
N LYS B 14 -5.33 -25.81 1.20
CA LYS B 14 -6.50 -24.93 1.18
C LYS B 14 -6.18 -23.51 0.75
N LYS B 15 -7.15 -22.92 0.06
CA LYS B 15 -7.13 -21.51 -0.26
C LYS B 15 -8.28 -20.82 0.47
N THR B 16 -8.01 -19.68 1.09
CA THR B 16 -9.08 -18.86 1.65
C THR B 16 -8.90 -17.38 1.36
N PHE B 17 -9.91 -16.62 1.77
CA PHE B 17 -9.95 -15.17 1.59
C PHE B 17 -10.56 -14.66 2.87
N ASP B 18 -9.76 -14.60 3.94
CA ASP B 18 -10.26 -14.27 5.28
C ASP B 18 -11.07 -12.96 5.32
N SER B 19 -10.65 -11.97 4.53
CA SER B 19 -11.31 -10.65 4.54
C SER B 19 -12.57 -10.53 3.68
N TYR B 20 -12.81 -11.53 2.82
CA TYR B 20 -14.00 -11.53 1.97
C TYR B 20 -15.24 -12.02 2.73
N THR B 21 -16.09 -11.08 3.15
CA THR B 21 -17.26 -11.39 3.99
C THR B 21 -18.61 -10.86 3.47
N ASP B 22 -18.58 -10.02 2.43
CA ASP B 22 -19.75 -9.29 1.96
C ASP B 22 -20.24 -9.89 0.66
N ASN B 23 -21.42 -10.52 0.68
CA ASN B 23 -22.06 -11.12 -0.52
C ASN B 23 -22.17 -10.19 -1.73
N GLU B 24 -22.33 -8.88 -1.48
CA GLU B 24 -22.37 -7.87 -2.54
C GLU B 24 -21.07 -7.69 -3.29
N VAL B 25 -19.93 -7.98 -2.64
CA VAL B 25 -18.64 -7.81 -3.28
C VAL B 25 -18.44 -8.98 -4.23
N LEU B 26 -17.98 -8.68 -5.43
CA LEU B 26 -17.70 -9.69 -6.46
C LEU B 26 -16.32 -10.32 -6.32
N MET B 27 -16.28 -11.65 -6.21
CA MET B 27 -15.03 -12.42 -6.32
C MET B 27 -14.41 -12.29 -7.73
N PRO B 28 -13.12 -11.86 -7.83
CA PRO B 28 -12.42 -11.88 -9.12
C PRO B 28 -12.38 -13.29 -9.72
N LYS B 29 -12.57 -13.39 -11.03
CA LYS B 29 -12.29 -14.61 -11.76
C LYS B 29 -10.79 -14.72 -11.93
N ALA B 30 -10.21 -15.67 -11.23
CA ALA B 30 -8.77 -15.88 -11.24
C ALA B 30 -8.42 -17.31 -10.87
N ASP B 31 -7.25 -17.75 -11.35
CA ASP B 31 -6.65 -19.01 -10.92
C ASP B 31 -5.54 -18.75 -9.90
N TYR B 32 -5.42 -19.63 -8.90
CA TYR B 32 -4.32 -19.62 -7.96
C TYR B 32 -3.51 -20.86 -8.18
N THR B 33 -2.20 -20.69 -8.25
CA THR B 33 -1.31 -21.78 -8.62
C THR B 33 -0.40 -22.11 -7.47
N PHE B 34 -0.31 -23.42 -7.18
CA PHE B 34 0.45 -23.93 -6.06
C PHE B 34 1.57 -24.81 -6.58
N LYS B 35 2.75 -24.56 -6.03
CA LYS B 35 4.00 -25.13 -6.49
C LYS B 35 4.49 -26.03 -5.40
N VAL B 36 5.00 -27.18 -5.80
CA VAL B 36 5.67 -28.08 -4.87
C VAL B 36 7.08 -28.28 -5.42
N GLU B 37 8.08 -27.94 -4.62
CA GLU B 37 9.47 -27.97 -5.07
C GLU B 37 10.31 -28.70 -4.04
N ALA B 38 11.45 -29.24 -4.49
CA ALA B 38 12.35 -29.93 -3.58
C ALA B 38 13.01 -28.90 -2.70
N ASP B 39 13.23 -29.22 -1.42
CA ASP B 39 14.12 -28.44 -0.62
C ASP B 39 15.52 -29.00 -0.90
N SER B 40 16.25 -28.38 -1.82
CA SER B 40 17.59 -28.84 -2.19
C SER B 40 18.62 -28.85 -1.04
N THR B 41 18.36 -28.11 0.04
CA THR B 41 19.25 -28.04 1.21
C THR B 41 18.98 -29.09 2.29
N ALA B 42 18.04 -30.00 2.07
CA ALA B 42 17.63 -30.96 3.10
C ALA B 42 18.73 -31.98 3.39
N SER B 43 19.04 -32.17 4.68
CA SER B 43 20.01 -33.19 5.14
C SER B 43 19.80 -33.49 6.63
N GLY B 44 20.51 -34.51 7.13
CA GLY B 44 20.48 -34.87 8.57
C GLY B 44 19.73 -36.15 8.89
N LYS B 45 19.23 -36.25 10.13
CA LYS B 45 18.45 -37.40 10.59
C LYS B 45 17.36 -36.99 11.58
N THR B 46 16.32 -37.82 11.71
CA THR B 46 15.22 -37.57 12.65
C THR B 46 15.58 -38.10 14.03
N LYS B 47 14.71 -37.80 15.00
CA LYS B 47 14.81 -38.34 16.37
C LYS B 47 14.99 -39.86 16.43
N ASP B 48 14.47 -40.58 15.42
CA ASP B 48 14.66 -42.03 15.30
C ASP B 48 15.70 -42.46 14.25
N GLY B 49 16.62 -41.57 13.86
CA GLY B 49 17.69 -41.91 12.92
C GLY B 49 17.32 -42.09 11.44
N LEU B 50 16.17 -41.57 11.03
CA LEU B 50 15.71 -41.68 9.62
C LEU B 50 16.38 -40.61 8.74
N GLU B 51 16.81 -41.00 7.54
CA GLU B 51 17.52 -40.07 6.62
C GLU B 51 16.59 -38.98 6.03
N ILE B 52 17.09 -37.74 6.04
CA ILE B 52 16.40 -36.59 5.47
C ILE B 52 17.05 -36.25 4.12
N LYS B 53 16.21 -36.18 3.07
CA LYS B 53 16.64 -36.00 1.68
C LYS B 53 15.78 -34.92 1.01
N PRO B 54 16.32 -34.26 -0.02
CA PRO B 54 15.48 -33.40 -0.85
C PRO B 54 14.31 -34.19 -1.46
N GLY B 55 13.16 -33.55 -1.57
CA GLY B 55 12.00 -34.17 -2.17
C GLY B 55 12.17 -34.48 -3.66
N ILE B 56 11.52 -35.55 -4.11
CA ILE B 56 11.48 -35.90 -5.51
C ILE B 56 10.19 -35.30 -6.08
N VAL B 57 10.33 -34.44 -7.10
CA VAL B 57 9.20 -33.76 -7.72
C VAL B 57 8.73 -34.44 -9.01
N ASN B 58 9.46 -35.44 -9.48
CA ASN B 58 9.06 -36.21 -10.65
C ASN B 58 7.74 -36.90 -10.42
N GLY B 59 6.75 -36.57 -11.25
CA GLY B 59 5.40 -37.07 -11.12
C GLY B 59 4.42 -36.02 -10.59
N LEU B 60 4.95 -34.93 -10.04
CA LEU B 60 4.12 -33.84 -9.52
C LEU B 60 4.20 -32.68 -10.47
N THR B 61 3.15 -31.87 -10.49
CA THR B 61 3.19 -30.61 -11.21
C THR B 61 2.53 -29.56 -10.32
N GLU B 62 2.60 -28.33 -10.80
CA GLU B 62 1.84 -27.23 -10.22
C GLU B 62 0.39 -27.61 -10.29
N GLN B 63 -0.38 -27.23 -9.28
CA GLN B 63 -1.83 -27.44 -9.28
C GLN B 63 -2.57 -26.14 -9.04
N ILE B 64 -3.79 -26.07 -9.58
CA ILE B 64 -4.54 -24.81 -9.64
C ILE B 64 -5.86 -24.94 -8.90
N ILE B 65 -6.24 -23.86 -8.21
CA ILE B 65 -7.58 -23.71 -7.68
C ILE B 65 -8.13 -22.51 -8.43
N SER B 66 -9.32 -22.69 -9.01
CA SER B 66 -9.98 -21.65 -9.79
C SER B 66 -11.13 -21.02 -9.01
N TYR B 67 -11.30 -19.71 -9.20
CA TYR B 67 -12.44 -18.95 -8.73
C TYR B 67 -13.06 -18.17 -9.88
N THR B 68 -14.35 -17.92 -9.75
CA THR B 68 -15.14 -17.13 -10.71
C THR B 68 -16.04 -16.16 -9.95
N ASN B 69 -16.65 -15.22 -10.67
CA ASN B 69 -17.63 -14.29 -10.07
C ASN B 69 -18.81 -14.95 -9.32
N THR B 70 -19.11 -16.22 -9.61
CA THR B 70 -20.17 -16.92 -8.88
C THR B 70 -19.80 -17.24 -7.43
N ASP B 71 -18.50 -17.32 -7.16
CA ASP B 71 -18.01 -17.60 -5.83
C ASP B 71 -18.30 -16.42 -4.91
N LYS B 72 -18.76 -16.77 -3.70
CA LYS B 72 -19.18 -15.84 -2.67
C LYS B 72 -18.52 -16.18 -1.33
N PRO B 73 -18.73 -15.39 -0.29
CA PRO B 73 -18.08 -15.64 0.99
C PRO B 73 -18.35 -17.02 1.49
N ASP B 74 -19.55 -17.54 1.35
CA ASP B 74 -19.82 -18.88 1.86
C ASP B 74 -19.21 -20.02 1.06
N SER B 75 -18.80 -19.74 -0.15
CA SER B 75 -18.08 -20.71 -1.02
C SER B 75 -16.59 -20.34 -1.25
N LYS B 76 -16.03 -19.54 -0.33
CA LYS B 76 -14.70 -18.95 -0.50
C LYS B 76 -13.54 -19.93 -0.32
N VAL B 77 -13.74 -20.97 0.50
CA VAL B 77 -12.69 -21.91 0.86
C VAL B 77 -12.72 -23.08 -0.10
N LYS B 78 -11.60 -23.29 -0.80
CA LYS B 78 -11.43 -24.39 -1.74
C LYS B 78 -10.14 -25.13 -1.44
N SER B 79 -9.98 -26.29 -2.08
CA SER B 79 -8.77 -27.09 -1.87
C SER B 79 -8.29 -27.77 -3.14
N THR B 80 -6.99 -28.08 -3.14
CA THR B 80 -6.37 -28.96 -4.14
C THR B 80 -5.55 -29.99 -3.36
N GLU B 81 -5.25 -31.11 -4.00
CA GLU B 81 -4.58 -32.21 -3.32
C GLU B 81 -3.33 -32.59 -4.08
N PHE B 82 -2.17 -32.55 -3.42
CA PHE B 82 -0.94 -33.11 -4.00
C PHE B 82 -0.82 -34.56 -3.56
N ASP B 83 -0.83 -35.47 -4.54
CA ASP B 83 -0.83 -36.92 -4.29
C ASP B 83 0.58 -37.43 -4.53
N PHE B 84 1.29 -37.64 -3.42
CA PHE B 84 2.67 -38.10 -3.47
C PHE B 84 2.82 -39.58 -3.81
N SER B 85 1.72 -40.32 -3.98
CA SER B 85 1.79 -41.67 -4.57
C SER B 85 2.15 -41.61 -6.04
N LYS B 86 2.04 -40.43 -6.67
CA LYS B 86 2.56 -40.24 -8.05
C LYS B 86 4.09 -40.33 -8.15
N VAL B 87 4.77 -40.18 -7.02
CA VAL B 87 6.23 -40.10 -6.93
C VAL B 87 6.76 -41.49 -6.61
N VAL B 88 7.84 -41.88 -7.30
CA VAL B 88 8.51 -43.15 -6.99
C VAL B 88 9.65 -42.86 -6.04
N PHE B 89 9.49 -43.27 -4.77
CA PHE B 89 10.52 -43.12 -3.76
C PHE B 89 11.41 -44.34 -3.79
N PRO B 90 12.72 -44.13 -3.92
CA PRO B 90 13.61 -45.31 -4.05
C PRO B 90 14.02 -45.95 -2.71
N GLY B 91 13.61 -45.36 -1.60
CA GLY B 91 13.99 -45.87 -0.29
C GLY B 91 13.34 -45.11 0.84
N ILE B 92 13.46 -45.67 2.03
CA ILE B 92 12.86 -45.05 3.22
C ILE B 92 13.58 -43.74 3.53
N GLY B 93 12.88 -42.84 4.20
CA GLY B 93 13.43 -41.51 4.48
C GLY B 93 12.36 -40.46 4.66
N VAL B 94 12.82 -39.27 5.00
CA VAL B 94 11.99 -38.07 5.04
C VAL B 94 12.36 -37.26 3.82
N TYR B 95 11.39 -37.04 2.95
CA TYR B 95 11.59 -36.34 1.70
C TYR B 95 11.01 -34.94 1.87
N ARG B 96 11.87 -33.94 1.78
CA ARG B 96 11.52 -32.54 2.13
C ARG B 96 11.19 -31.66 0.94
N TYR B 97 10.01 -31.06 0.99
CA TYR B 97 9.52 -30.16 -0.05
C TYR B 97 9.17 -28.81 0.53
N ILE B 98 9.11 -27.83 -0.37
CA ILE B 98 8.61 -26.50 -0.08
C ILE B 98 7.37 -26.25 -0.93
N VAL B 99 6.28 -25.83 -0.30
CA VAL B 99 5.01 -25.58 -0.97
C VAL B 99 4.70 -24.08 -0.87
N SER B 100 4.43 -23.48 -2.03
CA SER B 100 4.19 -22.04 -2.12
C SER B 100 3.05 -21.77 -3.07
N GLU B 101 2.61 -20.51 -3.06
CA GLU B 101 1.67 -19.99 -4.03
C GLU B 101 2.38 -19.06 -4.99
N LYS B 102 2.15 -19.24 -6.30
CA LYS B 102 2.73 -18.35 -7.31
C LYS B 102 2.09 -16.97 -7.23
N GLN B 103 2.92 -15.97 -7.53
CA GLN B 103 2.49 -14.57 -7.55
C GLN B 103 1.82 -14.37 -8.90
N GLY B 104 0.50 -14.23 -8.91
CA GLY B 104 -0.24 -13.96 -10.15
C GLY B 104 -0.21 -12.50 -10.56
N ASP B 105 -1.03 -12.13 -11.53
CA ASP B 105 -0.96 -10.79 -12.16
C ASP B 105 -2.26 -9.97 -12.12
N VAL B 106 -3.27 -10.45 -11.39
CA VAL B 106 -4.58 -9.82 -11.48
C VAL B 106 -4.61 -8.53 -10.65
N GLU B 107 -4.98 -7.43 -11.30
CA GLU B 107 -5.10 -6.15 -10.62
C GLU B 107 -6.01 -6.29 -9.42
N GLY B 108 -5.57 -5.77 -8.29
CA GLY B 108 -6.39 -5.77 -7.07
C GLY B 108 -6.20 -6.97 -6.17
N ILE B 109 -5.49 -8.01 -6.61
CA ILE B 109 -5.31 -9.22 -5.79
C ILE B 109 -3.94 -9.20 -5.14
N THR B 110 -3.92 -9.54 -3.86
CA THR B 110 -2.73 -9.76 -3.07
C THR B 110 -2.58 -11.28 -2.87
N TYR B 111 -1.47 -11.85 -3.36
CA TYR B 111 -1.21 -13.29 -3.30
C TYR B 111 -0.35 -13.62 -2.07
N ASP B 112 -0.73 -14.67 -1.35
CA ASP B 112 -0.02 -15.10 -0.14
C ASP B 112 1.44 -15.42 -0.46
N THR B 113 2.36 -14.83 0.29
CA THR B 113 3.79 -15.06 0.09
C THR B 113 4.34 -16.16 1.01
N LYS B 114 3.48 -16.77 1.84
CA LYS B 114 3.96 -17.72 2.82
C LYS B 114 4.43 -19.02 2.16
N LYS B 115 5.51 -19.57 2.69
CA LYS B 115 6.01 -20.86 2.26
C LYS B 115 5.85 -21.89 3.37
N TRP B 116 5.74 -23.15 2.98
CA TRP B 116 5.51 -24.28 3.86
C TRP B 116 6.55 -25.36 3.62
N THR B 117 7.12 -25.86 4.70
CA THR B 117 7.95 -27.06 4.66
C THR B 117 7.03 -28.27 4.80
N VAL B 118 7.22 -29.25 3.92
CA VAL B 118 6.37 -30.41 3.83
C VAL B 118 7.29 -31.63 3.83
N ASP B 119 7.16 -32.44 4.88
CA ASP B 119 7.99 -33.61 5.09
C ASP B 119 7.17 -34.85 4.87
N VAL B 120 7.56 -35.62 3.86
CA VAL B 120 6.86 -36.83 3.49
C VAL B 120 7.65 -37.99 4.08
N TYR B 121 7.04 -38.69 5.04
CA TYR B 121 7.68 -39.82 5.73
C TYR B 121 7.41 -41.06 4.92
N VAL B 122 8.48 -41.62 4.36
CA VAL B 122 8.36 -42.74 3.42
C VAL B 122 8.87 -44.02 4.09
N GLY B 123 8.03 -45.05 4.10
CA GLY B 123 8.34 -46.33 4.73
C GLY B 123 8.22 -47.47 3.75
N ASN B 124 8.33 -48.69 4.28
CA ASN B 124 8.21 -49.89 3.45
C ASN B 124 6.76 -50.13 3.11
N LYS B 125 6.50 -50.47 1.86
CA LYS B 125 5.16 -50.85 1.41
C LYS B 125 5.11 -52.37 1.43
N GLU B 126 4.04 -52.93 2.00
CA GLU B 126 3.84 -54.39 2.03
C GLU B 126 3.82 -54.95 0.62
N GLY B 127 4.65 -55.96 0.39
CA GLY B 127 4.76 -56.59 -0.93
C GLY B 127 5.95 -56.16 -1.77
N GLY B 128 6.64 -55.09 -1.33
CA GLY B 128 7.79 -54.55 -2.04
C GLY B 128 7.58 -53.08 -2.33
N GLY B 129 8.68 -52.35 -2.41
CA GLY B 129 8.65 -50.91 -2.70
C GLY B 129 8.45 -50.02 -1.49
N PHE B 130 8.21 -48.74 -1.76
CA PHE B 130 8.19 -47.71 -0.73
C PHE B 130 6.99 -46.79 -0.98
N GLU B 131 6.40 -46.28 0.09
CA GLU B 131 5.29 -45.33 -0.03
C GLU B 131 5.30 -44.33 1.11
N PRO B 132 4.65 -43.17 0.91
CA PRO B 132 4.43 -42.29 2.05
C PRO B 132 3.50 -42.94 3.08
N LYS B 133 3.85 -42.80 4.35
CA LYS B 133 2.99 -43.22 5.46
C LYS B 133 2.34 -42.02 6.14
N PHE B 134 3.10 -40.93 6.27
CA PHE B 134 2.46 -39.66 6.64
C PHE B 134 3.22 -38.44 6.18
N ILE B 135 2.50 -37.32 6.20
CA ILE B 135 3.02 -36.05 5.73
C ILE B 135 2.84 -35.00 6.81
N VAL B 136 3.93 -34.29 7.09
CA VAL B 136 3.99 -33.27 8.15
C VAL B 136 4.23 -31.90 7.51
N SER B 137 3.32 -30.95 7.76
CA SER B 137 3.50 -29.60 7.22
C SER B 137 3.66 -28.55 8.32
N LYS B 138 4.48 -27.55 8.03
CA LYS B 138 4.80 -26.44 8.91
C LYS B 138 5.02 -25.19 8.09
N GLU B 139 4.73 -24.01 8.64
CA GLU B 139 5.17 -22.79 7.96
C GLU B 139 6.70 -22.79 7.96
N GLN B 140 7.31 -22.39 6.83
CA GLN B 140 8.77 -22.36 6.71
C GLN B 140 9.35 -21.43 7.77
N GLY B 141 10.48 -21.81 8.35
CA GLY B 141 11.05 -21.06 9.48
C GLY B 141 10.59 -21.52 10.86
N THR B 142 9.44 -22.18 10.93
CA THR B 142 8.81 -22.52 12.22
C THR B 142 8.88 -24.00 12.52
N ASP B 143 8.60 -24.31 13.77
CA ASP B 143 8.49 -25.69 14.21
C ASP B 143 7.07 -26.04 14.66
N VAL B 144 6.06 -25.38 14.08
CA VAL B 144 4.66 -25.58 14.47
C VAL B 144 3.94 -26.34 13.38
N LYS B 145 3.50 -27.56 13.68
CA LYS B 145 2.79 -28.39 12.72
C LYS B 145 1.40 -27.78 12.48
N LYS B 146 1.04 -27.65 11.21
CA LYS B 146 -0.16 -26.93 10.83
C LYS B 146 -0.56 -27.31 9.41
N PRO B 147 -1.88 -27.45 9.15
CA PRO B 147 -2.31 -27.72 7.78
C PRO B 147 -1.96 -26.60 6.81
N VAL B 148 -1.69 -26.95 5.56
CA VAL B 148 -1.28 -25.98 4.55
C VAL B 148 -2.48 -25.17 4.03
N ASN B 149 -2.56 -23.91 4.46
CA ASN B 149 -3.60 -22.96 4.03
C ASN B 149 -2.92 -21.71 3.47
N PHE B 150 -3.40 -21.23 2.32
CA PHE B 150 -2.99 -19.94 1.78
C PHE B 150 -4.14 -18.97 1.83
N ASN B 151 -3.88 -17.78 2.38
CA ASN B 151 -4.85 -16.72 2.44
C ASN B 151 -4.54 -15.63 1.41
N ASN B 152 -5.49 -15.35 0.50
CA ASN B 152 -5.38 -14.22 -0.41
C ASN B 152 -6.40 -13.15 -0.03
N SER B 153 -6.22 -11.96 -0.54
CA SER B 153 -7.20 -10.88 -0.40
C SER B 153 -7.30 -10.13 -1.70
N PHE B 154 -8.41 -9.42 -1.86
CA PHE B 154 -8.52 -8.52 -2.97
C PHE B 154 -9.21 -7.23 -2.53
N ALA B 155 -8.87 -6.16 -3.25
CA ALA B 155 -9.35 -4.82 -2.97
C ALA B 155 -10.55 -4.50 -3.84
N THR B 156 -11.43 -3.65 -3.32
CA THR B 156 -12.53 -3.07 -4.07
C THR B 156 -12.35 -1.57 -4.02
N THR B 157 -13.13 -0.87 -4.83
CA THR B 157 -13.01 0.57 -4.94
C THR B 157 -14.39 1.18 -5.07
N SER B 158 -14.45 2.43 -5.51
CA SER B 158 -15.72 3.14 -5.55
C SER B 158 -15.72 4.22 -6.58
N LEU B 159 -16.95 4.66 -6.90
CA LEU B 159 -17.21 5.77 -7.80
C LEU B 159 -18.37 6.57 -7.25
N LYS B 160 -18.15 7.87 -7.10
CA LYS B 160 -19.21 8.80 -6.79
C LYS B 160 -19.31 9.73 -7.98
N VAL B 161 -20.54 10.05 -8.38
CA VAL B 161 -20.78 10.99 -9.47
C VAL B 161 -21.73 12.04 -8.94
N LYS B 162 -21.33 13.31 -9.05
CA LYS B 162 -22.08 14.42 -8.48
C LYS B 162 -22.24 15.54 -9.50
N LYS B 163 -23.41 16.18 -9.47
CA LYS B 163 -23.72 17.29 -10.35
C LYS B 163 -23.58 18.59 -9.58
N ASN B 164 -22.95 19.55 -10.24
CA ASN B 164 -22.75 20.88 -9.70
C ASN B 164 -23.26 21.89 -10.74
N VAL B 165 -24.31 22.60 -10.37
CA VAL B 165 -24.85 23.66 -11.21
C VAL B 165 -24.41 24.97 -10.59
N SER B 166 -23.90 25.86 -11.44
CA SER B 166 -23.32 27.14 -11.02
C SER B 166 -23.62 28.20 -12.06
N GLY B 167 -23.23 29.43 -11.75
CA GLY B 167 -23.49 30.59 -12.61
C GLY B 167 -24.76 31.29 -12.19
N ASN B 168 -24.91 32.53 -12.65
CA ASN B 168 -26.04 33.38 -12.22
C ASN B 168 -27.42 32.88 -12.70
N THR B 169 -27.47 32.16 -13.83
CA THR B 169 -28.73 31.55 -14.32
C THR B 169 -28.68 30.00 -14.41
N GLY B 170 -27.74 29.37 -13.70
CA GLY B 170 -27.71 27.92 -13.61
C GLY B 170 -28.98 27.42 -12.94
N GLU B 171 -29.68 26.52 -13.62
CA GLU B 171 -30.97 26.00 -13.13
C GLU B 171 -30.76 25.07 -11.93
N LEU B 172 -31.00 25.60 -10.74
CA LEU B 172 -30.72 24.88 -9.50
C LEU B 172 -31.67 23.72 -9.14
N GLN B 173 -32.72 23.50 -9.95
CA GLN B 173 -33.61 22.33 -9.79
C GLN B 173 -33.71 21.43 -11.02
N LYS B 174 -33.07 21.80 -12.14
CA LYS B 174 -33.14 21.03 -13.36
C LYS B 174 -32.45 19.67 -13.17
N GLU B 175 -33.10 18.63 -13.68
CA GLU B 175 -32.53 17.28 -13.70
C GLU B 175 -31.70 17.15 -14.96
N PHE B 176 -30.46 16.65 -14.80
CA PHE B 176 -29.59 16.36 -15.90
C PHE B 176 -29.55 14.82 -16.03
N ASP B 177 -29.56 14.36 -17.26
CA ASP B 177 -29.61 12.93 -17.59
C ASP B 177 -28.21 12.38 -17.76
N PHE B 178 -27.94 11.26 -17.07
CA PHE B 178 -26.62 10.62 -17.07
C PHE B 178 -26.76 9.17 -17.43
N THR B 179 -25.72 8.63 -18.05
CA THR B 179 -25.51 7.18 -18.08
C THR B 179 -24.17 6.80 -17.44
N LEU B 180 -24.16 5.67 -16.76
CA LEU B 180 -22.95 5.04 -16.23
C LEU B 180 -22.87 3.72 -16.96
N THR B 181 -21.70 3.39 -17.49
CA THR B 181 -21.44 2.09 -18.08
C THR B 181 -20.17 1.48 -17.48
N LEU B 182 -20.35 0.35 -16.82
CA LEU B 182 -19.26 -0.49 -16.31
C LEU B 182 -18.96 -1.55 -17.36
N ASN B 183 -17.72 -1.58 -17.86
CA ASN B 183 -17.32 -2.58 -18.86
C ASN B 183 -16.69 -3.82 -18.23
N GLU B 184 -16.91 -4.96 -18.87
CA GLU B 184 -16.37 -6.22 -18.37
C GLU B 184 -14.87 -6.27 -18.58
N SER B 185 -14.22 -7.16 -17.83
CA SER B 185 -12.81 -7.45 -17.98
C SER B 185 -12.66 -8.98 -17.98
N THR B 186 -11.43 -9.45 -18.14
CA THR B 186 -11.17 -10.88 -18.01
C THR B 186 -11.59 -11.43 -16.63
N ASN B 187 -11.56 -10.58 -15.59
CA ASN B 187 -11.85 -11.03 -14.24
C ASN B 187 -13.26 -10.72 -13.70
N PHE B 188 -14.02 -9.88 -14.41
CA PHE B 188 -15.37 -9.48 -13.99
C PHE B 188 -16.31 -9.47 -15.18
N LYS B 189 -17.19 -10.45 -15.21
CA LYS B 189 -17.99 -10.78 -16.39
C LYS B 189 -19.20 -9.85 -16.54
N LYS B 190 -19.62 -9.65 -17.79
CA LYS B 190 -20.92 -9.04 -18.13
C LYS B 190 -22.07 -9.68 -17.35
N ASP B 191 -23.03 -8.86 -16.93
CA ASP B 191 -24.23 -9.25 -16.19
C ASP B 191 -24.04 -9.49 -14.71
N GLN B 192 -22.81 -9.42 -14.21
CA GLN B 192 -22.59 -9.41 -12.77
C GLN B 192 -23.14 -8.08 -12.26
N ILE B 193 -23.64 -8.08 -11.03
CA ILE B 193 -24.34 -6.93 -10.44
C ILE B 193 -23.46 -6.19 -9.43
N VAL B 194 -23.53 -4.84 -9.46
CA VAL B 194 -22.89 -3.95 -8.47
C VAL B 194 -23.95 -2.97 -7.97
N SER B 195 -23.96 -2.67 -6.66
CA SER B 195 -25.01 -1.85 -6.05
C SER B 195 -24.75 -0.35 -6.17
N LEU B 196 -25.77 0.41 -6.58
CA LEU B 196 -25.64 1.87 -6.71
C LEU B 196 -26.63 2.50 -5.74
N GLN B 197 -26.19 3.53 -5.04
CA GLN B 197 -27.03 4.25 -4.11
C GLN B 197 -27.32 5.67 -4.61
N LYS B 198 -28.56 6.11 -4.41
CA LYS B 198 -28.97 7.50 -4.63
C LYS B 198 -29.93 7.90 -3.51
N GLY B 199 -29.48 8.76 -2.61
CA GLY B 199 -30.22 9.08 -1.40
C GLY B 199 -30.20 7.87 -0.48
N ASN B 200 -31.37 7.47 0.01
CA ASN B 200 -31.52 6.28 0.86
C ASN B 200 -31.94 5.02 0.08
N GLU B 201 -31.91 5.08 -1.25
CA GLU B 201 -32.39 3.99 -2.09
C GLU B 201 -31.23 3.31 -2.84
N LYS B 202 -31.18 1.98 -2.78
CA LYS B 202 -30.20 1.18 -3.52
C LYS B 202 -30.80 0.64 -4.82
N PHE B 203 -29.97 0.60 -5.87
CA PHE B 203 -30.36 0.10 -7.18
C PHE B 203 -29.30 -0.88 -7.69
N GLU B 204 -29.73 -1.76 -8.60
CA GLU B 204 -28.84 -2.76 -9.18
C GLU B 204 -28.30 -2.26 -10.52
N VAL B 205 -26.97 -2.32 -10.69
CA VAL B 205 -26.32 -2.01 -11.97
C VAL B 205 -25.67 -3.28 -12.51
N LYS B 206 -25.93 -3.61 -13.77
CA LYS B 206 -25.34 -4.77 -14.43
C LYS B 206 -24.10 -4.36 -15.19
N ILE B 207 -22.98 -5.08 -14.98
CA ILE B 207 -21.80 -4.87 -15.81
C ILE B 207 -22.18 -5.16 -17.26
N GLY B 208 -21.82 -4.25 -18.16
CA GLY B 208 -22.13 -4.40 -19.57
C GLY B 208 -23.37 -3.65 -20.08
N THR B 209 -24.24 -3.21 -19.17
CA THR B 209 -25.51 -2.50 -19.50
C THR B 209 -25.47 -1.06 -18.99
N PRO B 210 -25.43 -0.05 -19.90
CA PRO B 210 -25.59 1.36 -19.47
C PRO B 210 -26.74 1.57 -18.46
N TYR B 211 -26.46 2.29 -17.37
CA TYR B 211 -27.44 2.55 -16.33
C TYR B 211 -27.77 4.03 -16.32
N LYS B 212 -29.03 4.33 -16.63
CA LYS B 212 -29.52 5.71 -16.64
C LYS B 212 -29.90 6.17 -15.24
N PHE B 213 -29.46 7.37 -14.91
CA PHE B 213 -29.89 8.05 -13.69
C PHE B 213 -29.97 9.54 -13.95
N LYS B 214 -30.52 10.26 -12.98
CA LYS B 214 -30.67 11.72 -13.06
C LYS B 214 -30.19 12.42 -11.82
N LEU B 215 -29.52 13.56 -12.02
CA LEU B 215 -29.03 14.36 -10.93
C LEU B 215 -29.46 15.82 -11.12
N LYS B 216 -29.94 16.41 -10.04
CA LYS B 216 -30.11 17.86 -9.91
C LYS B 216 -28.85 18.40 -9.25
N ASN B 217 -28.76 19.72 -9.07
CA ASN B 217 -27.65 20.34 -8.35
C ASN B 217 -27.43 19.77 -6.95
N GLY B 218 -26.19 19.36 -6.69
CA GLY B 218 -25.80 18.83 -5.40
C GLY B 218 -26.10 17.34 -5.21
N GLU B 219 -26.83 16.73 -6.13
CA GLU B 219 -27.22 15.34 -5.97
C GLU B 219 -26.11 14.47 -6.54
N SER B 220 -26.03 13.25 -6.02
CA SER B 220 -25.02 12.30 -6.48
C SER B 220 -25.53 10.86 -6.44
N ILE B 221 -24.84 10.00 -7.19
CA ILE B 221 -24.94 8.55 -7.00
C ILE B 221 -23.58 8.05 -6.54
N GLN B 222 -23.58 6.89 -5.88
CA GLN B 222 -22.32 6.23 -5.55
C GLN B 222 -22.41 4.71 -5.51
N LEU B 223 -21.34 4.09 -5.96
CA LEU B 223 -21.16 2.65 -5.95
C LEU B 223 -20.00 2.40 -5.02
N ASP B 224 -20.28 1.79 -3.88
CA ASP B 224 -19.30 1.70 -2.78
C ASP B 224 -18.36 0.52 -2.88
N LYS B 225 -18.73 -0.50 -3.67
CA LYS B 225 -18.05 -1.79 -3.65
C LYS B 225 -17.76 -2.23 -5.08
N LEU B 226 -17.08 -1.35 -5.81
CA LEU B 226 -16.76 -1.53 -7.21
C LEU B 226 -15.52 -2.45 -7.42
N PRO B 227 -15.55 -3.35 -8.42
CA PRO B 227 -14.34 -4.13 -8.76
C PRO B 227 -13.16 -3.30 -9.23
N VAL B 228 -11.97 -3.77 -8.89
CA VAL B 228 -10.73 -3.15 -9.31
C VAL B 228 -10.36 -3.88 -10.59
N GLY B 229 -9.99 -3.12 -11.61
CA GLY B 229 -9.47 -3.66 -12.87
C GLY B 229 -10.44 -3.64 -14.05
N ILE B 230 -11.67 -3.18 -13.83
CA ILE B 230 -12.60 -2.91 -14.94
C ILE B 230 -12.41 -1.47 -15.45
N THR B 231 -13.15 -1.10 -16.48
CA THR B 231 -13.24 0.30 -16.89
C THR B 231 -14.67 0.78 -16.80
N TYR B 232 -14.83 2.10 -16.72
CA TYR B 232 -16.15 2.70 -16.76
C TYR B 232 -16.14 3.97 -17.58
N LYS B 233 -17.33 4.37 -18.01
CA LYS B 233 -17.57 5.63 -18.68
C LYS B 233 -18.76 6.29 -18.00
N VAL B 234 -18.65 7.60 -17.78
CA VAL B 234 -19.77 8.40 -17.33
C VAL B 234 -20.00 9.48 -18.37
N ASN B 235 -21.27 9.67 -18.72
CA ASN B 235 -21.65 10.66 -19.73
C ASN B 235 -22.88 11.43 -19.27
N GLU B 236 -22.97 12.69 -19.71
CA GLU B 236 -24.14 13.55 -19.43
C GLU B 236 -24.76 13.88 -20.78
N MET B 237 -26.07 13.63 -20.91
CA MET B 237 -26.76 13.65 -22.20
C MET B 237 -26.74 15.03 -22.85
N GLU B 238 -27.08 16.04 -22.07
CA GLU B 238 -27.19 17.42 -22.57
C GLU B 238 -26.00 18.29 -22.17
N ALA B 239 -24.80 17.71 -22.24
CA ALA B 239 -23.57 18.42 -21.90
C ALA B 239 -23.32 19.48 -22.95
N ASN B 240 -23.03 20.70 -22.50
CA ASN B 240 -22.78 21.87 -23.36
C ASN B 240 -23.97 22.29 -24.24
N LYS B 241 -25.20 22.14 -23.70
CA LYS B 241 -26.44 22.52 -24.38
C LYS B 241 -27.20 23.59 -23.58
N ASP B 242 -27.92 24.46 -24.29
CA ASP B 242 -28.77 25.50 -23.70
C ASP B 242 -28.07 26.52 -22.81
N GLY B 243 -26.87 26.93 -23.21
CA GLY B 243 -26.10 27.95 -22.49
C GLY B 243 -25.27 27.41 -21.35
N TYR B 244 -25.06 26.09 -21.31
CA TYR B 244 -24.25 25.48 -20.26
C TYR B 244 -22.84 25.22 -20.76
N LYS B 245 -21.86 25.59 -19.94
CA LYS B 245 -20.50 25.07 -20.06
C LYS B 245 -20.46 23.84 -19.17
N THR B 246 -20.20 22.68 -19.77
CA THR B 246 -20.12 21.41 -19.05
C THR B 246 -18.67 20.92 -19.02
N THR B 247 -18.15 20.75 -17.80
CA THR B 247 -16.84 20.16 -17.56
C THR B 247 -16.97 19.15 -16.42
N ALA B 248 -16.01 18.23 -16.36
CA ALA B 248 -15.99 17.22 -15.31
C ALA B 248 -14.59 17.07 -14.75
N SER B 249 -14.52 16.85 -13.45
CA SER B 249 -13.26 16.63 -12.75
CA SER B 249 -13.26 16.62 -12.75
C SER B 249 -13.28 15.28 -12.04
N LEU B 250 -12.17 14.54 -12.11
CA LEU B 250 -12.02 13.27 -11.40
C LEU B 250 -11.00 13.45 -10.27
N LYS B 251 -11.47 13.38 -9.02
CA LYS B 251 -10.60 13.32 -7.85
C LYS B 251 -10.43 11.85 -7.43
N GLU B 252 -9.20 11.45 -7.14
CA GLU B 252 -8.89 10.07 -6.73
C GLU B 252 -8.27 10.04 -5.36
N GLY B 253 -8.82 9.19 -4.52
CA GLY B 253 -8.38 9.01 -3.17
C GLY B 253 -8.29 10.28 -2.40
N ASP B 254 -9.20 11.19 -2.66
CA ASP B 254 -9.16 12.53 -1.98
C ASP B 254 -7.79 13.24 -2.07
N GLY B 255 -7.14 13.15 -3.21
CA GLY B 255 -5.89 13.77 -3.44
C GLY B 255 -5.76 14.26 -4.85
N GLN B 256 -5.15 13.45 -5.69
CA GLN B 256 -4.91 13.85 -7.04
C GLN B 256 -6.17 14.12 -7.81
N SER B 257 -6.15 15.17 -8.60
CA SER B 257 -7.32 15.50 -9.41
C SER B 257 -6.96 15.80 -10.86
N LYS B 258 -7.90 15.54 -11.78
CA LYS B 258 -7.69 15.82 -13.21
C LYS B 258 -9.02 16.06 -13.93
N MET B 259 -8.95 16.69 -15.11
CA MET B 259 -10.14 16.86 -15.96
C MET B 259 -10.54 15.49 -16.48
N TYR B 260 -11.82 15.17 -16.39
CA TYR B 260 -12.38 13.96 -16.97
C TYR B 260 -13.20 14.31 -18.21
N GLN B 261 -12.83 13.73 -19.34
CA GLN B 261 -13.57 13.88 -20.58
C GLN B 261 -14.80 12.98 -20.51
N LEU B 262 -15.99 13.57 -20.68
CA LEU B 262 -17.22 12.78 -20.60
C LEU B 262 -17.20 11.70 -21.67
N ASP B 263 -17.73 10.52 -21.30
CA ASP B 263 -17.79 9.32 -22.15
C ASP B 263 -16.42 8.64 -22.48
N MET B 264 -15.33 9.06 -21.81
CA MET B 264 -14.01 8.45 -22.01
C MET B 264 -13.78 7.34 -20.97
N GLU B 265 -13.11 6.27 -21.40
CA GLU B 265 -12.86 5.12 -20.52
C GLU B 265 -11.94 5.48 -19.36
N GLN B 266 -12.34 5.12 -18.14
CA GLN B 266 -11.50 5.26 -16.93
C GLN B 266 -11.35 3.88 -16.31
N LYS B 267 -10.11 3.44 -16.12
CA LYS B 267 -9.84 2.18 -15.46
C LYS B 267 -9.99 2.31 -13.94
N THR B 268 -10.59 1.32 -13.30
CA THR B 268 -10.72 1.30 -11.86
C THR B 268 -9.47 0.68 -11.20
N ASP B 269 -8.88 1.40 -10.25
CA ASP B 269 -7.76 0.93 -9.41
C ASP B 269 -8.13 1.13 -7.94
N GLU B 270 -7.17 1.06 -7.02
CA GLU B 270 -7.51 1.13 -5.60
C GLU B 270 -8.07 2.50 -5.16
N SER B 271 -7.63 3.59 -5.78
CA SER B 271 -8.06 4.94 -5.36
C SER B 271 -9.54 5.19 -5.67
N ALA B 272 -10.31 5.54 -4.63
CA ALA B 272 -11.74 5.88 -4.76
C ALA B 272 -11.90 7.04 -5.73
N ASP B 273 -12.88 6.92 -6.63
CA ASP B 273 -13.12 7.95 -7.64
C ASP B 273 -14.28 8.86 -7.24
N GLU B 274 -14.09 10.16 -7.41
CA GLU B 274 -15.19 11.13 -7.30
C GLU B 274 -15.20 12.01 -8.54
N ILE B 275 -16.25 11.91 -9.35
CA ILE B 275 -16.41 12.76 -10.52
C ILE B 275 -17.44 13.82 -10.21
N VAL B 276 -17.05 15.10 -10.38
CA VAL B 276 -17.97 16.22 -10.30
C VAL B 276 -18.16 16.78 -11.71
N VAL B 277 -19.41 16.80 -12.16
CA VAL B 277 -19.75 17.32 -13.46
C VAL B 277 -20.39 18.66 -13.18
N THR B 278 -19.72 19.72 -13.63
CA THR B 278 -20.18 21.08 -13.43
C THR B 278 -20.94 21.49 -14.67
N ASN B 279 -22.13 22.05 -14.46
CA ASN B 279 -22.92 22.68 -15.50
C ASN B 279 -23.07 24.16 -15.14
N LYS B 280 -22.35 24.99 -15.88
CA LYS B 280 -22.24 26.42 -15.60
C LYS B 280 -23.00 27.22 -16.65
N ARG B 281 -23.90 28.09 -16.19
CA ARG B 281 -24.52 29.07 -17.08
C ARG B 281 -24.70 30.41 -16.36
N ASP B 282 -24.17 31.47 -16.97
CA ASP B 282 -24.31 32.81 -16.38
C ASP B 282 -25.63 33.43 -16.79
#